data_9RSV
#
_entry.id   9RSV
#
_cell.length_a   93.665
_cell.length_b   93.665
_cell.length_c   72.873
_cell.angle_alpha   90
_cell.angle_beta   90
_cell.angle_gamma   120
#
_symmetry.space_group_name_H-M   'P 61 2 2'
#
loop_
_entity.id
_entity.type
_entity.pdbx_description
1 polymer 'Os03g0111400 protein'
2 polymer 'AVR-Pia protein'
3 non-polymer 'SULFATE ION'
4 water water
#
loop_
_entity_poly.entity_id
_entity_poly.type
_entity_poly.pdbx_seq_one_letter_code
_entity_poly.pdbx_strand_id
1 'polypeptide(L)' GPMAQQKVVLKVPTMTDEKTKQKAIEAVADIYGIDSIAADLKDNKMTIIGDMDTVEIAKKLRKIGKIDIVSVGPA A
2 'polypeptide(L)' GHMAAPARFCVYYDGHLPATRVLLMYVRIGTTATITARGHEFEVEAKDQNCKVILTNGKQAPDWLAAEPY B
#
loop_
_chem_comp.id
_chem_comp.type
_chem_comp.name
_chem_comp.formula
SO4 non-polymer 'SULFATE ION' 'O4 S -2'
#
# COMPACT_ATOMS: atom_id res chain seq x y z
N GLN A 5 -0.21 9.22 -14.89
CA GLN A 5 0.09 7.99 -14.11
C GLN A 5 1.54 7.99 -13.58
N GLN A 6 1.66 8.06 -12.24
CA GLN A 6 2.94 8.34 -11.65
C GLN A 6 3.23 7.41 -10.48
N LYS A 7 4.52 7.24 -10.24
CA LYS A 7 4.99 6.56 -9.03
C LYS A 7 5.69 7.58 -8.12
N VAL A 8 5.21 7.71 -6.91
CA VAL A 8 5.72 8.62 -5.90
C VAL A 8 6.34 7.82 -4.76
N VAL A 9 7.64 8.08 -4.49
CA VAL A 9 8.35 7.45 -3.39
C VAL A 9 8.65 8.48 -2.33
N LEU A 10 8.18 8.20 -1.12
CA LEU A 10 8.33 9.06 0.03
C LEU A 10 9.20 8.40 1.10
N LYS A 11 9.94 9.21 1.86
CA LYS A 11 10.48 8.73 3.14
C LYS A 11 9.65 9.31 4.26
N VAL A 12 9.12 8.46 5.13
CA VAL A 12 8.15 8.85 6.13
C VAL A 12 8.73 8.33 7.45
N PRO A 13 9.55 9.15 8.14
CA PRO A 13 10.33 8.60 9.25
C PRO A 13 9.53 8.23 10.48
N THR A 14 8.27 8.65 10.57
CA THR A 14 7.42 8.24 11.66
C THR A 14 6.95 6.81 11.53
N MET A 15 7.14 6.16 10.36
CA MET A 15 6.72 4.77 10.28
C MET A 15 7.78 3.91 10.95
N THR A 16 7.49 3.44 12.18
CA THR A 16 8.41 2.60 12.93
C THR A 16 7.81 1.26 13.36
N ASP A 17 6.51 1.11 13.11
CA ASP A 17 5.85 -0.14 13.50
C ASP A 17 4.55 -0.23 12.72
N GLU A 18 3.69 -1.21 13.05
CA GLU A 18 2.51 -1.44 12.23
C GLU A 18 1.52 -0.32 12.44
N LYS A 19 1.37 0.14 13.68
CA LYS A 19 0.42 1.18 13.95
C LYS A 19 0.77 2.50 13.23
N THR A 20 2.04 2.89 13.27
CA THR A 20 2.43 4.15 12.63
C THR A 20 2.49 4.06 11.11
N LYS A 21 2.80 2.88 10.56
CA LYS A 21 2.64 2.63 9.13
C LYS A 21 1.19 2.85 8.68
N GLN A 22 0.26 2.31 9.48
CA GLN A 22 -1.16 2.43 9.15
C GLN A 22 -1.64 3.87 9.27
N LYS A 23 -1.19 4.60 10.29
CA LYS A 23 -1.55 5.99 10.42
C LYS A 23 -1.11 6.79 9.20
N ALA A 24 0.13 6.55 8.76
CA ALA A 24 0.65 7.26 7.58
C ALA A 24 -0.19 6.97 6.35
N ILE A 25 -0.51 5.68 6.12
CA ILE A 25 -1.33 5.32 4.98
C ILE A 25 -2.71 5.94 5.05
N GLU A 26 -3.28 5.98 6.26
CA GLU A 26 -4.63 6.54 6.42
C GLU A 26 -4.66 8.02 6.05
N ALA A 27 -3.56 8.76 6.27
CA ALA A 27 -3.54 10.17 5.95
C ALA A 27 -3.64 10.41 4.44
N VAL A 28 -3.23 9.45 3.62
CA VAL A 28 -3.23 9.65 2.19
C VAL A 28 -4.33 8.82 1.54
N ALA A 29 -5.00 7.89 2.26
CA ALA A 29 -5.81 6.91 1.52
C ALA A 29 -7.11 7.47 0.89
N ASP A 30 -7.49 8.70 1.19
CA ASP A 30 -8.62 9.32 0.55
C ASP A 30 -8.30 10.25 -0.59
N ILE A 31 -7.05 10.37 -0.94
CA ILE A 31 -6.65 11.21 -2.04
C ILE A 31 -7.12 10.58 -3.33
N TYR A 32 -7.85 11.38 -4.13
CA TYR A 32 -8.32 10.92 -5.44
C TYR A 32 -7.18 10.52 -6.37
N GLY A 33 -7.40 9.39 -7.02
CA GLY A 33 -6.63 8.82 -8.11
C GLY A 33 -5.50 7.86 -7.65
N ILE A 34 -5.46 7.52 -6.38
CA ILE A 34 -4.50 6.50 -5.90
C ILE A 34 -4.97 5.10 -6.29
N ASP A 35 -4.07 4.34 -6.86
CA ASP A 35 -4.31 2.96 -7.13
C ASP A 35 -3.65 2.04 -6.11
N SER A 36 -2.44 2.38 -5.61
CA SER A 36 -1.81 1.54 -4.60
C SER A 36 -0.93 2.38 -3.69
N ILE A 37 -0.83 1.91 -2.46
CA ILE A 37 0.01 2.54 -1.44
C ILE A 37 0.75 1.43 -0.73
N ALA A 38 2.09 1.35 -0.91
CA ALA A 38 2.91 0.39 -0.23
C ALA A 38 3.66 1.11 0.84
N ALA A 39 3.94 0.39 1.92
CA ALA A 39 4.78 0.96 2.96
C ALA A 39 5.69 -0.09 3.55
N ASP A 40 6.95 0.27 3.74
CA ASP A 40 7.93 -0.65 4.27
C ASP A 40 8.68 0.00 5.42
N LEU A 41 8.75 -0.74 6.53
CA LEU A 41 9.44 -0.22 7.71
C LEU A 41 10.92 -0.11 7.41
N LYS A 42 11.38 -0.98 6.51
CA LYS A 42 12.80 -1.15 6.28
C LYS A 42 13.50 0.18 6.07
N ASP A 43 13.13 0.94 5.03
CA ASP A 43 13.74 2.25 4.78
C ASP A 43 12.69 3.36 4.93
N ASN A 44 11.71 3.13 5.77
CA ASN A 44 10.65 4.10 6.06
C ASN A 44 10.03 4.59 4.76
N LYS A 45 9.95 3.69 3.77
CA LYS A 45 9.56 4.00 2.41
C LYS A 45 8.07 3.81 2.17
N MET A 46 7.43 4.84 1.64
CA MET A 46 6.04 4.74 1.17
C MET A 46 6.02 4.98 -0.32
N THR A 47 5.36 4.10 -1.06
CA THR A 47 5.30 4.17 -2.49
C THR A 47 3.83 4.29 -2.91
N ILE A 48 3.51 5.38 -3.65
CA ILE A 48 2.13 5.63 -4.07
C ILE A 48 2.11 5.64 -5.58
N ILE A 49 1.20 4.84 -6.17
CA ILE A 49 1.08 4.80 -7.60
C ILE A 49 -0.34 5.13 -8.03
N GLY A 50 -0.50 6.05 -8.99
CA GLY A 50 -1.81 6.45 -9.38
C GLY A 50 -1.73 7.67 -10.29
N ASP A 51 -2.87 8.29 -10.47
CA ASP A 51 -2.89 9.57 -11.22
C ASP A 51 -3.37 10.68 -10.32
N MET A 52 -3.02 10.59 -9.04
CA MET A 52 -3.29 11.51 -7.98
C MET A 52 -2.35 12.69 -8.09
N ASP A 53 -2.63 13.68 -7.26
CA ASP A 53 -1.85 14.91 -7.22
C ASP A 53 -0.82 14.82 -6.10
N THR A 54 0.46 14.74 -6.47
CA THR A 54 1.51 14.61 -5.49
C THR A 54 1.49 15.77 -4.51
N VAL A 55 1.09 16.98 -4.97
CA VAL A 55 1.05 18.07 -4.01
C VAL A 55 0.09 17.79 -2.85
N GLU A 56 -1.06 17.15 -3.15
CA GLU A 56 -1.99 16.76 -2.08
C GLU A 56 -1.36 15.72 -1.13
N ILE A 57 -0.59 14.78 -1.71
CA ILE A 57 0.08 13.75 -0.92
C ILE A 57 0.98 14.42 0.13
N ALA A 58 1.79 15.38 -0.36
CA ALA A 58 2.73 16.08 0.52
C ALA A 58 1.98 16.86 1.61
N LYS A 59 0.90 17.57 1.19
CA LYS A 59 0.12 18.37 2.10
C LYS A 59 -0.44 17.48 3.21
N LYS A 60 -1.07 16.36 2.82
CA LYS A 60 -1.68 15.50 3.82
C LYS A 60 -0.64 14.87 4.74
N LEU A 61 0.54 14.51 4.25
CA LEU A 61 1.45 13.82 5.15
C LEU A 61 2.19 14.77 6.12
N ARG A 62 2.13 16.08 5.91
CA ARG A 62 2.89 16.98 6.76
C ARG A 62 2.33 17.02 8.19
N LYS A 63 1.04 16.68 8.34
CA LYS A 63 0.38 16.65 9.62
C LYS A 63 0.90 15.46 10.43
N ILE A 64 1.41 14.45 9.74
CA ILE A 64 1.99 13.26 10.34
C ILE A 64 3.37 13.59 10.90
N GLY A 65 4.21 14.23 10.09
CA GLY A 65 5.60 14.36 10.47
C GLY A 65 6.38 14.96 9.32
N LYS A 66 7.70 14.82 9.37
CA LYS A 66 8.58 15.40 8.37
C LYS A 66 8.89 14.35 7.33
N ILE A 67 8.33 14.51 6.16
CA ILE A 67 8.48 13.51 5.13
C ILE A 67 9.37 14.10 4.05
N ASP A 68 10.06 13.22 3.32
CA ASP A 68 10.82 13.63 2.13
C ASP A 68 10.22 13.02 0.88
N ILE A 69 10.14 13.83 -0.19
CA ILE A 69 9.84 13.27 -1.51
C ILE A 69 11.14 12.74 -2.07
N VAL A 70 11.24 11.42 -2.28
CA VAL A 70 12.42 10.81 -2.84
C VAL A 70 12.38 10.88 -4.35
N SER A 71 11.29 10.46 -4.98
CA SER A 71 11.15 10.46 -6.39
C SER A 71 9.69 10.62 -6.79
N VAL A 72 9.51 11.23 -7.93
CA VAL A 72 8.27 11.29 -8.65
C VAL A 72 8.62 11.04 -10.12
N GLY A 73 7.98 10.06 -10.72
CA GLY A 73 8.23 9.78 -12.12
C GLY A 73 7.12 8.95 -12.74
N PRO A 74 7.20 8.63 -14.05
CA PRO A 74 6.26 7.71 -14.66
C PRO A 74 6.22 6.43 -13.87
N ALA A 75 5.01 5.88 -13.80
CA ALA A 75 4.78 4.56 -13.20
C ALA A 75 5.45 3.46 -14.04
N PRO B 6 -18.09 1.27 3.78
CA PRO B 6 -17.84 0.23 2.77
C PRO B 6 -16.51 0.44 2.04
N ALA B 7 -15.96 -0.65 1.51
CA ALA B 7 -14.51 -0.71 1.29
C ALA B 7 -14.12 0.00 0.00
N ARG B 8 -12.88 0.56 -0.02
CA ARG B 8 -12.31 1.13 -1.22
C ARG B 8 -11.01 0.42 -1.66
N PHE B 9 -10.36 -0.26 -0.72
CA PHE B 9 -9.10 -0.96 -0.93
C PHE B 9 -9.18 -2.38 -0.40
N CYS B 10 -8.33 -3.20 -0.99
CA CYS B 10 -7.92 -4.43 -0.32
C CYS B 10 -6.54 -4.17 0.25
N VAL B 11 -6.40 -4.59 1.48
CA VAL B 11 -5.18 -4.42 2.24
C VAL B 11 -4.51 -5.78 2.38
N TYR B 12 -3.27 -5.85 1.90
CA TYR B 12 -2.52 -7.09 1.89
C TYR B 12 -1.44 -7.13 2.97
N TYR B 13 -1.32 -8.29 3.60
CA TYR B 13 -0.40 -8.54 4.70
C TYR B 13 0.38 -9.81 4.48
N ASP B 14 1.60 -9.81 4.98
CA ASP B 14 2.38 -10.99 5.24
C ASP B 14 2.03 -11.50 6.64
N GLY B 15 1.11 -12.47 6.68
CA GLY B 15 0.65 -13.04 7.93
C GLY B 15 -0.84 -12.81 8.09
N HIS B 16 -1.54 -13.74 8.76
CA HIS B 16 -2.98 -13.61 8.99
C HIS B 16 -3.36 -13.25 10.42
N LEU B 17 -2.40 -13.32 11.35
CA LEU B 17 -2.73 -13.05 12.77
C LEU B 17 -2.52 -11.59 13.06
N PRO B 18 -3.55 -10.88 13.53
CA PRO B 18 -3.46 -9.43 13.67
C PRO B 18 -2.29 -9.02 14.55
N ALA B 19 -1.93 -9.87 15.53
CA ALA B 19 -0.86 -9.52 16.46
C ALA B 19 0.50 -9.45 15.78
N THR B 20 0.76 -10.24 14.73
CA THR B 20 2.10 -10.40 14.20
C THR B 20 2.17 -10.01 12.70
N ARG B 21 1.05 -9.84 12.01
CA ARG B 21 1.07 -9.67 10.54
C ARG B 21 1.73 -8.33 10.21
N VAL B 22 2.30 -8.32 9.03
CA VAL B 22 3.00 -7.14 8.52
C VAL B 22 2.26 -6.61 7.31
N LEU B 23 1.79 -5.38 7.40
CA LEU B 23 1.06 -4.76 6.30
C LEU B 23 1.99 -4.50 5.13
N LEU B 24 1.55 -4.85 3.93
CA LEU B 24 2.36 -4.74 2.75
C LEU B 24 1.88 -3.57 1.89
N MET B 25 0.58 -3.53 1.56
CA MET B 25 0.12 -2.63 0.52
C MET B 25 -1.41 -2.51 0.56
N TYR B 26 -1.87 -1.31 0.25
CA TYR B 26 -3.27 -1.08 -0.05
C TYR B 26 -3.40 -1.05 -1.55
N VAL B 27 -4.42 -1.70 -2.09
CA VAL B 27 -4.67 -1.80 -3.51
C VAL B 27 -6.11 -1.42 -3.78
N ARG B 28 -6.28 -0.37 -4.59
CA ARG B 28 -7.64 0.07 -4.87
C ARG B 28 -8.49 -1.02 -5.52
N ILE B 29 -9.71 -1.21 -4.95
CA ILE B 29 -10.58 -2.23 -5.53
C ILE B 29 -10.84 -1.92 -7.01
N GLY B 30 -10.70 -2.94 -7.85
CA GLY B 30 -10.81 -2.81 -9.28
C GLY B 30 -9.47 -2.63 -10.00
N THR B 31 -8.36 -2.66 -9.28
CA THR B 31 -7.04 -2.59 -9.85
C THR B 31 -6.16 -3.78 -9.47
N THR B 32 -5.02 -3.90 -10.19
CA THR B 32 -4.02 -4.88 -9.93
C THR B 32 -2.74 -4.14 -9.49
N ALA B 33 -1.92 -4.82 -8.73
CA ALA B 33 -0.68 -4.25 -8.18
C ALA B 33 0.34 -5.34 -7.92
N THR B 34 1.62 -4.97 -7.93
CA THR B 34 2.62 -5.97 -7.74
C THR B 34 3.21 -5.74 -6.36
N ILE B 35 3.12 -6.76 -5.54
CA ILE B 35 3.68 -6.75 -4.21
C ILE B 35 5.04 -7.42 -4.22
N THR B 36 6.04 -6.85 -3.51
CA THR B 36 7.32 -7.50 -3.36
C THR B 36 7.43 -7.92 -1.90
N ALA B 37 7.59 -9.21 -1.68
CA ALA B 37 7.68 -9.75 -0.32
C ALA B 37 8.42 -11.05 -0.40
N ARG B 38 9.21 -11.31 0.64
CA ARG B 38 10.00 -12.52 0.75
C ARG B 38 10.86 -12.81 -0.49
N GLY B 39 11.34 -11.73 -1.12
CA GLY B 39 12.28 -11.90 -2.20
C GLY B 39 11.62 -12.16 -3.53
N HIS B 40 10.29 -12.05 -3.62
CA HIS B 40 9.61 -12.40 -4.86
C HIS B 40 8.51 -11.36 -5.09
N GLU B 41 7.99 -11.37 -6.31
CA GLU B 41 6.92 -10.51 -6.76
C GLU B 41 5.62 -11.27 -6.91
N PHE B 42 4.55 -10.67 -6.40
CA PHE B 42 3.22 -11.24 -6.51
C PHE B 42 2.27 -10.19 -7.03
N GLU B 43 1.69 -10.47 -8.17
CA GLU B 43 0.77 -9.57 -8.80
C GLU B 43 -0.67 -9.96 -8.46
N VAL B 44 -1.30 -9.12 -7.64
CA VAL B 44 -2.64 -9.38 -7.09
C VAL B 44 -3.66 -8.53 -7.80
N GLU B 45 -4.88 -9.06 -7.87
CA GLU B 45 -6.05 -8.34 -8.34
C GLU B 45 -7.00 -8.12 -7.17
N ALA B 46 -7.25 -6.85 -6.84
CA ALA B 46 -8.19 -6.46 -5.80
C ALA B 46 -9.56 -6.41 -6.46
N LYS B 47 -10.21 -7.54 -6.51
CA LYS B 47 -11.40 -7.70 -7.34
C LYS B 47 -12.63 -6.99 -6.82
N ASP B 48 -12.96 -7.09 -5.52
CA ASP B 48 -14.18 -6.63 -4.92
C ASP B 48 -13.99 -6.56 -3.46
N GLN B 49 -15.06 -6.21 -2.74
CA GLN B 49 -14.98 -5.95 -1.32
C GLN B 49 -14.77 -7.22 -0.49
N ASN B 50 -14.84 -8.40 -1.10
CA ASN B 50 -14.49 -9.62 -0.37
C ASN B 50 -12.97 -9.78 -0.22
N CYS B 51 -12.21 -9.14 -1.12
CA CYS B 51 -10.74 -9.13 -0.98
C CYS B 51 -10.18 -10.54 -0.85
N LYS B 52 -10.66 -11.45 -1.69
CA LYS B 52 -9.98 -12.71 -1.83
C LYS B 52 -8.58 -12.45 -2.39
N VAL B 53 -7.65 -13.27 -1.99
CA VAL B 53 -6.26 -13.13 -2.45
C VAL B 53 -6.14 -13.87 -3.78
N ILE B 54 -5.91 -13.08 -4.83
CA ILE B 54 -5.98 -13.56 -6.21
C ILE B 54 -4.73 -13.15 -6.97
N LEU B 55 -3.99 -14.13 -7.46
CA LEU B 55 -2.84 -13.81 -8.32
C LEU B 55 -3.33 -13.72 -9.75
N THR B 56 -2.76 -12.77 -10.50
CA THR B 56 -3.19 -12.57 -11.88
C THR B 56 -2.85 -13.75 -12.80
N ASN B 57 -2.01 -14.67 -12.40
CA ASN B 57 -1.75 -15.85 -13.21
C ASN B 57 -2.74 -16.97 -12.93
N GLY B 58 -3.69 -16.73 -12.04
CA GLY B 58 -4.70 -17.69 -11.67
C GLY B 58 -4.15 -18.79 -10.76
N LYS B 59 -2.92 -18.72 -10.35
CA LYS B 59 -2.36 -19.71 -9.43
C LYS B 59 -2.68 -19.35 -7.99
N GLN B 60 -2.51 -20.39 -7.14
CA GLN B 60 -2.70 -20.23 -5.72
C GLN B 60 -1.66 -19.27 -5.20
N ALA B 61 -2.07 -18.22 -4.47
CA ALA B 61 -1.13 -17.35 -3.80
C ALA B 61 -0.43 -18.09 -2.67
N PRO B 62 0.74 -17.67 -2.17
CA PRO B 62 1.37 -18.27 -1.00
C PRO B 62 0.45 -18.17 0.20
N ASP B 63 0.45 -19.20 1.06
CA ASP B 63 -0.56 -19.22 2.09
C ASP B 63 -0.42 -18.08 3.06
N TRP B 64 0.79 -17.52 3.23
CA TRP B 64 1.00 -16.44 4.17
C TRP B 64 0.41 -15.09 3.74
N LEU B 65 0.07 -14.96 2.46
CA LEU B 65 -0.45 -13.69 1.96
C LEU B 65 -1.93 -13.60 2.34
N ALA B 66 -2.28 -12.55 3.07
CA ALA B 66 -3.62 -12.31 3.57
C ALA B 66 -4.12 -10.98 3.04
N ALA B 67 -5.45 -10.82 2.97
CA ALA B 67 -6.03 -9.58 2.59
C ALA B 67 -7.30 -9.34 3.39
N GLU B 68 -7.57 -8.05 3.59
CA GLU B 68 -8.74 -7.58 4.29
C GLU B 68 -9.18 -6.30 3.57
N PRO B 69 -10.48 -6.08 3.45
CA PRO B 69 -10.97 -4.83 2.91
C PRO B 69 -10.77 -3.68 3.89
N TYR B 70 -10.66 -2.48 3.34
CA TYR B 70 -10.62 -1.23 4.10
C TYR B 70 -11.40 -0.17 3.31
S SO4 C . -8.27 -19.06 -1.77
O1 SO4 C . -8.86 -18.80 -3.04
O2 SO4 C . -7.29 -18.02 -1.48
O3 SO4 C . -9.28 -19.01 -0.72
O4 SO4 C . -7.65 -20.34 -1.76
S SO4 D . -21.62 -11.52 -1.03
O1 SO4 D . -22.00 -10.40 -1.83
O2 SO4 D . -20.29 -11.95 -1.39
O3 SO4 D . -21.72 -11.15 0.37
O4 SO4 D . -22.49 -12.60 -1.37
#